data_6EY4
#
_entry.id   6EY4
#
_cell.length_a   71.377
_cell.length_b   71.377
_cell.length_c   426.941
_cell.angle_alpha   90.00
_cell.angle_beta   90.00
_cell.angle_gamma   120.00
#
_symmetry.space_group_name_H-M   'P 64 2 2'
#
loop_
_entity.id
_entity.type
_entity.pdbx_description
1 polymer GldM
2 non-polymer 1,2-ETHANEDIOL
3 water water
#
_entity_poly.entity_id   1
_entity_poly.type   'polypeptide(L)'
_entity_poly.pdbx_seq_one_letter_code
;MGHHHHHHSSGVDLGTENLYFQSFGLMNEKFEAANTSSVTTNESLLTSLDQKAAEAKGEFAKAAETAHKVQAASKEFYDY
IGTLKTQAVKGFEVDKETGKMPYEAMDRGDNIDDWFTGDGYTKKGNEIIAKIEKYKSDIKAALGTDKKYAGIISEVEKKF
DVSDVKNKEGIKEKYLAYHFKGFPAIASAAKLSAWQNDVKKTEADVYNSALGKAAVAAASYSNYQAIVVLDKNAYFQGEK
VTGKVVLGRYDENTKPTSFQGPGQIVNGQAVISLTAGGVGEQDINGQFTFLEDGKNIPLKFSGKYVVVPRPNSATISADK
MNVVYRGVVNPISVSFAGVDANKIVASAPGLSSAGKPGKYNMSPGQGTEATISVTGTLPNGDKVTDKKTFRIKGIPGPTG
TIRGEMGVVKGPKSNLEIATIGAKLLDFDFEVGLDVVGFNMKIAGQPTVVVTGNKMNAQCKSVLARAGKGDQVTISEIKT
KLVGAGSYLLPRTAPVIYEIQ
;
_entity_poly.pdbx_strand_id   A
#
loop_
_chem_comp.id
_chem_comp.type
_chem_comp.name
_chem_comp.formula
EDO non-polymer 1,2-ETHANEDIOL 'C2 H6 O2'
#
# COMPACT_ATOMS: atom_id res chain seq x y z
N LEU A 19 -58.33 -13.10 54.90
CA LEU A 19 -59.44 -12.46 54.21
C LEU A 19 -59.07 -11.98 52.78
N TYR A 20 -57.81 -11.51 52.58
CA TYR A 20 -57.31 -10.95 51.31
C TYR A 20 -56.59 -11.92 50.37
N PHE A 21 -57.37 -12.38 49.39
CA PHE A 21 -56.98 -13.24 48.29
C PHE A 21 -56.77 -12.33 47.09
N GLN A 22 -57.32 -11.10 47.14
CA GLN A 22 -57.16 -10.09 46.09
C GLN A 22 -55.69 -9.66 46.01
N SER A 23 -55.00 -9.60 47.18
CA SER A 23 -53.59 -9.23 47.25
C SER A 23 -52.74 -10.28 46.53
N PHE A 24 -53.13 -11.57 46.64
CA PHE A 24 -52.43 -12.63 45.91
C PHE A 24 -52.79 -12.61 44.43
N GLY A 25 -54.02 -12.20 44.14
CA GLY A 25 -54.53 -12.06 42.79
C GLY A 25 -53.76 -11.01 42.01
N LEU A 26 -53.58 -9.83 42.65
CA LEU A 26 -52.82 -8.69 42.12
C LEU A 26 -51.35 -9.03 41.89
N MET A 27 -50.71 -9.79 42.85
CA MET A 27 -49.31 -10.22 42.73
C MET A 27 -49.17 -11.07 41.48
N ASN A 28 -50.07 -12.06 41.29
CA ASN A 28 -50.07 -12.93 40.11
C ASN A 28 -50.31 -12.14 38.80
N GLU A 29 -51.22 -11.15 38.86
CA GLU A 29 -51.55 -10.28 37.73
C GLU A 29 -50.33 -9.48 37.27
N LYS A 30 -49.58 -8.93 38.26
CA LYS A 30 -48.37 -8.17 38.04
C LYS A 30 -47.32 -9.06 37.34
N PHE A 31 -47.00 -10.21 37.97
CA PHE A 31 -46.02 -11.14 37.46
C PHE A 31 -46.34 -11.66 36.03
N GLU A 32 -47.62 -11.95 35.75
CA GLU A 32 -48.03 -12.44 34.43
C GLU A 32 -47.88 -11.38 33.36
N ALA A 33 -48.13 -10.11 33.73
CA ALA A 33 -48.04 -8.97 32.82
C ALA A 33 -46.58 -8.76 32.48
N ALA A 34 -45.67 -9.00 33.45
CA ALA A 34 -44.22 -8.96 33.22
C ALA A 34 -43.82 -10.11 32.27
N ASN A 35 -44.39 -11.33 32.44
CA ASN A 35 -44.09 -12.46 31.55
C ASN A 35 -44.52 -12.21 30.10
N THR A 36 -45.73 -11.64 29.90
CA THR A 36 -46.24 -11.29 28.57
C THR A 36 -45.35 -10.21 27.92
N SER A 37 -44.95 -9.20 28.69
CA SER A 37 -44.08 -8.12 28.23
C SER A 37 -42.70 -8.67 27.90
N SER A 38 -42.21 -9.62 28.72
CA SER A 38 -40.92 -10.26 28.58
C SER A 38 -40.75 -11.06 27.32
N VAL A 39 -41.77 -11.80 26.86
CA VAL A 39 -41.65 -12.61 25.65
C VAL A 39 -41.26 -11.74 24.43
N THR A 40 -41.87 -10.55 24.28
CA THR A 40 -41.57 -9.65 23.18
C THR A 40 -40.21 -8.92 23.33
N THR A 41 -39.84 -8.51 24.56
CA THR A 41 -38.58 -7.82 24.79
C THR A 41 -37.38 -8.78 24.66
N ASN A 42 -37.50 -10.00 25.17
CA ASN A 42 -36.47 -11.04 25.06
C ASN A 42 -36.32 -11.46 23.61
N GLU A 43 -37.44 -11.55 22.85
CA GLU A 43 -37.36 -11.88 21.41
C GLU A 43 -36.58 -10.79 20.67
N SER A 44 -36.87 -9.53 20.98
CA SER A 44 -36.23 -8.36 20.39
C SER A 44 -34.73 -8.35 20.68
N LEU A 45 -34.30 -8.77 21.90
CA LEU A 45 -32.89 -8.84 22.30
C LEU A 45 -32.18 -9.94 21.57
N LEU A 46 -32.83 -11.11 21.48
CA LEU A 46 -32.26 -12.23 20.76
C LEU A 46 -32.04 -11.92 19.24
N THR A 47 -33.00 -11.24 18.60
CA THR A 47 -32.99 -10.81 17.20
C THR A 47 -31.82 -9.88 16.95
N SER A 48 -31.56 -8.94 17.86
CA SER A 48 -30.42 -8.03 17.77
C SER A 48 -29.14 -8.85 17.72
N LEU A 49 -29.01 -9.81 18.63
CA LEU A 49 -27.85 -10.68 18.68
C LEU A 49 -27.76 -11.54 17.42
N ASP A 50 -28.88 -12.01 16.87
CA ASP A 50 -28.85 -12.85 15.67
C ASP A 50 -28.42 -12.09 14.46
N GLN A 51 -28.90 -10.84 14.33
CA GLN A 51 -28.59 -9.96 13.21
C GLN A 51 -27.11 -9.62 13.24
N LYS A 52 -26.60 -9.31 14.43
CA LYS A 52 -25.20 -8.99 14.66
C LYS A 52 -24.33 -10.22 14.32
N ALA A 53 -24.78 -11.43 14.71
CA ALA A 53 -24.05 -12.67 14.42
C ALA A 53 -24.00 -12.98 12.93
N ALA A 54 -25.12 -12.82 12.22
CA ALA A 54 -25.21 -13.08 10.77
C ALA A 54 -24.33 -12.10 9.97
N GLU A 55 -24.34 -10.80 10.37
CA GLU A 55 -23.59 -9.71 9.74
C GLU A 55 -22.10 -9.71 10.07
N ALA A 56 -21.72 -9.60 11.34
CA ALA A 56 -20.32 -9.48 11.74
C ALA A 56 -19.63 -10.78 12.10
N LYS A 57 -20.40 -11.86 12.36
CA LYS A 57 -19.89 -13.20 12.69
C LYS A 57 -18.91 -13.16 13.87
N GLY A 58 -17.81 -13.92 13.79
CA GLY A 58 -16.81 -14.00 14.84
C GLY A 58 -17.40 -14.27 16.20
N GLU A 59 -17.07 -13.40 17.17
CA GLU A 59 -17.56 -13.45 18.55
C GLU A 59 -19.07 -13.33 18.65
N PHE A 60 -19.72 -12.58 17.72
CA PHE A 60 -21.19 -12.45 17.74
C PHE A 60 -21.85 -13.78 17.41
N ALA A 61 -21.20 -14.63 16.58
CA ALA A 61 -21.73 -15.98 16.28
C ALA A 61 -21.53 -16.90 17.51
N LYS A 62 -20.42 -16.75 18.22
CA LYS A 62 -20.16 -17.51 19.46
C LYS A 62 -21.19 -17.12 20.55
N ALA A 63 -21.54 -15.82 20.62
CA ALA A 63 -22.50 -15.31 21.61
C ALA A 63 -23.91 -15.77 21.33
N ALA A 64 -24.31 -15.85 20.02
CA ALA A 64 -25.62 -16.29 19.58
C ALA A 64 -25.78 -17.78 19.86
N GLU A 65 -24.71 -18.58 19.70
CA GLU A 65 -24.73 -20.03 20.00
C GLU A 65 -25.08 -20.22 21.51
N THR A 66 -24.47 -19.40 22.39
CA THR A 66 -24.72 -19.42 23.84
C THR A 66 -26.20 -19.02 24.12
N ALA A 67 -26.62 -17.86 23.58
CA ALA A 67 -27.96 -17.31 23.72
C ALA A 67 -29.08 -18.32 23.33
N HIS A 68 -28.89 -19.09 22.25
CA HIS A 68 -29.87 -20.10 21.81
C HIS A 68 -29.91 -21.32 22.69
N LYS A 69 -28.78 -21.72 23.28
CA LYS A 69 -28.75 -22.85 24.21
C LYS A 69 -29.57 -22.50 25.47
N VAL A 70 -29.41 -21.26 25.97
CA VAL A 70 -30.12 -20.70 27.13
C VAL A 70 -31.60 -20.47 26.74
N GLN A 71 -31.89 -20.09 25.48
CA GLN A 71 -33.27 -19.90 24.99
C GLN A 71 -34.08 -21.18 25.20
N ALA A 72 -33.52 -22.33 24.80
CA ALA A 72 -34.15 -23.65 24.87
C ALA A 72 -34.26 -24.18 26.29
N ALA A 73 -33.30 -23.85 27.14
CA ALA A 73 -33.34 -24.30 28.54
C ALA A 73 -34.35 -23.46 29.32
N SER A 74 -34.48 -22.17 28.95
CA SER A 74 -35.39 -21.27 29.66
C SER A 74 -36.83 -21.60 29.27
N LYS A 75 -37.06 -21.90 27.98
CA LYS A 75 -38.36 -22.21 27.40
C LYS A 75 -38.91 -23.49 28.01
N GLU A 76 -38.10 -24.57 28.04
CA GLU A 76 -38.45 -25.87 28.61
C GLU A 76 -38.98 -25.69 30.05
N PHE A 77 -38.22 -24.97 30.89
CA PHE A 77 -38.55 -24.68 32.27
C PHE A 77 -39.75 -23.76 32.47
N TYR A 78 -39.79 -22.65 31.74
CA TYR A 78 -40.88 -21.69 31.77
C TYR A 78 -42.21 -22.41 31.42
N ASP A 79 -42.19 -23.20 30.32
CA ASP A 79 -43.35 -23.96 29.86
C ASP A 79 -43.80 -25.00 30.89
N TYR A 80 -42.83 -25.67 31.54
CA TYR A 80 -43.11 -26.70 32.55
C TYR A 80 -43.74 -26.01 33.77
N ILE A 81 -43.24 -24.80 34.13
CA ILE A 81 -43.81 -24.04 35.25
C ILE A 81 -45.28 -23.73 34.93
N GLY A 82 -45.57 -23.39 33.67
CA GLY A 82 -46.93 -23.10 33.24
C GLY A 82 -47.87 -24.27 33.45
N THR A 83 -47.34 -25.51 33.37
CA THR A 83 -48.11 -26.76 33.56
C THR A 83 -48.48 -26.93 35.04
N LEU A 84 -47.56 -26.55 35.93
CA LEU A 84 -47.76 -26.65 37.36
C LEU A 84 -48.77 -25.61 37.80
N LYS A 85 -48.75 -24.41 37.17
CA LYS A 85 -49.68 -23.33 37.46
C LYS A 85 -51.07 -23.74 37.08
N THR A 86 -51.22 -24.36 35.90
CA THR A 86 -52.51 -24.85 35.41
C THR A 86 -53.11 -25.81 36.42
N GLN A 87 -52.30 -26.76 36.91
CA GLN A 87 -52.72 -27.73 37.91
C GLN A 87 -53.15 -27.04 39.20
N ALA A 88 -52.42 -25.99 39.64
CA ALA A 88 -52.74 -25.24 40.85
C ALA A 88 -54.09 -24.55 40.79
N VAL A 89 -54.48 -24.06 39.60
CA VAL A 89 -55.70 -23.29 39.41
C VAL A 89 -56.84 -24.10 38.75
N LYS A 90 -56.67 -25.43 38.68
CA LYS A 90 -57.62 -26.45 38.19
C LYS A 90 -58.98 -26.24 38.84
N GLY A 91 -60.04 -26.42 38.06
CA GLY A 91 -61.41 -26.32 38.54
C GLY A 91 -61.95 -24.94 38.84
N PHE A 92 -61.16 -23.90 38.54
CA PHE A 92 -61.56 -22.51 38.75
C PHE A 92 -61.81 -21.85 37.40
N GLU A 93 -63.09 -21.46 37.17
CA GLU A 93 -63.54 -20.84 35.93
C GLU A 93 -63.06 -19.39 35.79
N VAL A 94 -62.13 -19.16 34.83
CA VAL A 94 -61.62 -17.84 34.47
C VAL A 94 -62.82 -17.07 33.87
N ASP A 95 -62.94 -15.76 34.13
CA ASP A 95 -64.07 -15.01 33.58
C ASP A 95 -64.00 -14.94 32.05
N LYS A 96 -65.18 -15.03 31.41
CA LYS A 96 -65.35 -15.04 29.95
C LYS A 96 -64.68 -13.82 29.27
N GLU A 97 -64.98 -12.60 29.75
CA GLU A 97 -64.48 -11.35 29.19
C GLU A 97 -63.17 -10.84 29.79
N THR A 98 -63.12 -10.75 31.14
CA THR A 98 -61.96 -10.24 31.89
C THR A 98 -60.78 -11.21 31.87
N GLY A 99 -61.10 -12.50 31.92
CA GLY A 99 -60.10 -13.57 31.94
C GLY A 99 -59.53 -13.86 33.31
N LYS A 100 -59.98 -13.12 34.36
CA LYS A 100 -59.44 -13.30 35.71
C LYS A 100 -60.21 -14.30 36.54
N MET A 101 -59.45 -15.10 37.29
CA MET A 101 -59.93 -16.16 38.15
C MET A 101 -60.65 -15.63 39.40
N PRO A 102 -61.57 -16.43 40.00
CA PRO A 102 -62.23 -15.95 41.23
C PRO A 102 -61.31 -16.18 42.43
N TYR A 103 -60.46 -15.16 42.73
CA TYR A 103 -59.44 -15.19 43.79
C TYR A 103 -59.96 -15.60 45.17
N GLU A 104 -61.17 -15.12 45.53
CA GLU A 104 -61.85 -15.42 46.81
C GLU A 104 -62.11 -16.93 46.98
N ALA A 105 -62.51 -17.58 45.88
CA ALA A 105 -62.81 -19.01 45.83
C ALA A 105 -61.55 -19.91 45.89
N MET A 106 -60.40 -19.36 45.59
CA MET A 106 -59.17 -20.15 45.59
C MET A 106 -58.40 -20.17 46.90
N ASP A 107 -58.94 -20.81 47.94
CA ASP A 107 -58.24 -20.85 49.22
C ASP A 107 -57.68 -22.22 49.61
N ARG A 108 -57.77 -23.19 48.73
CA ARG A 108 -57.26 -24.52 49.04
C ARG A 108 -56.33 -25.02 47.96
N GLY A 109 -55.36 -25.83 48.37
CA GLY A 109 -54.35 -26.39 47.49
C GLY A 109 -54.65 -27.83 47.13
N ASP A 110 -55.93 -28.20 47.22
CA ASP A 110 -56.32 -29.61 46.97
C ASP A 110 -55.79 -30.15 45.62
N ASN A 111 -55.69 -29.27 44.62
CA ASN A 111 -55.26 -29.58 43.25
C ASN A 111 -53.86 -30.16 43.13
N ILE A 112 -52.93 -29.73 44.00
CA ILE A 112 -51.55 -30.16 43.94
C ILE A 112 -51.19 -31.22 45.01
N ASP A 113 -52.20 -31.90 45.57
CA ASP A 113 -52.00 -32.94 46.57
C ASP A 113 -51.16 -34.10 46.03
N ASP A 114 -51.33 -34.42 44.73
CA ASP A 114 -50.65 -35.54 44.07
C ASP A 114 -49.12 -35.32 43.86
N TRP A 115 -48.56 -34.20 44.39
CA TRP A 115 -47.12 -33.93 44.33
C TRP A 115 -46.47 -34.64 45.52
N PHE A 116 -47.24 -34.81 46.60
CA PHE A 116 -46.75 -35.36 47.86
C PHE A 116 -47.51 -36.57 48.37
N THR A 117 -46.78 -37.49 48.98
CA THR A 117 -47.26 -38.70 49.65
C THR A 117 -46.63 -38.67 51.03
N GLY A 118 -47.48 -38.70 52.07
CA GLY A 118 -47.08 -38.64 53.48
C GLY A 118 -46.13 -37.49 53.73
N ASP A 119 -44.92 -37.83 54.18
CA ASP A 119 -43.81 -36.91 54.43
C ASP A 119 -43.06 -36.50 53.13
N GLY A 120 -42.91 -37.44 52.20
CA GLY A 120 -42.20 -37.23 50.95
C GLY A 120 -43.02 -36.77 49.75
N TYR A 121 -42.52 -37.11 48.55
CA TYR A 121 -43.11 -36.79 47.26
C TYR A 121 -43.60 -38.05 46.53
N THR A 122 -44.44 -37.85 45.51
CA THR A 122 -44.89 -38.91 44.60
C THR A 122 -43.89 -38.87 43.40
N LYS A 123 -44.17 -39.64 42.33
CA LYS A 123 -43.37 -39.64 41.10
C LYS A 123 -43.43 -38.25 40.47
N LYS A 124 -44.58 -37.55 40.61
CA LYS A 124 -44.85 -36.19 40.12
C LYS A 124 -43.99 -35.12 40.85
N GLY A 125 -43.90 -35.21 42.19
CA GLY A 125 -43.11 -34.32 43.02
C GLY A 125 -41.62 -34.41 42.76
N ASN A 126 -41.10 -35.64 42.59
CA ASN A 126 -39.70 -35.91 42.27
C ASN A 126 -39.38 -35.42 40.85
N GLU A 127 -40.40 -35.42 39.97
CA GLU A 127 -40.33 -35.00 38.58
C GLU A 127 -40.16 -33.48 38.45
N ILE A 128 -40.82 -32.71 39.35
CA ILE A 128 -40.74 -31.23 39.40
C ILE A 128 -39.32 -30.84 39.81
N ILE A 129 -38.81 -31.47 40.88
CA ILE A 129 -37.46 -31.26 41.41
C ILE A 129 -36.40 -31.53 40.34
N ALA A 130 -36.53 -32.65 39.61
CA ALA A 130 -35.63 -33.03 38.53
C ALA A 130 -35.70 -31.98 37.39
N LYS A 131 -36.88 -31.38 37.15
CA LYS A 131 -37.05 -30.36 36.13
C LYS A 131 -36.33 -29.10 36.53
N ILE A 132 -36.47 -28.67 37.81
CA ILE A 132 -35.80 -27.46 38.31
C ILE A 132 -34.30 -27.68 38.22
N GLU A 133 -33.86 -28.90 38.57
CA GLU A 133 -32.47 -29.31 38.56
C GLU A 133 -31.88 -29.22 37.17
N LYS A 134 -32.60 -29.79 36.18
CA LYS A 134 -32.20 -29.79 34.77
C LYS A 134 -32.03 -28.38 34.25
N TYR A 135 -32.91 -27.44 34.64
CA TYR A 135 -32.85 -26.04 34.24
C TYR A 135 -31.52 -25.41 34.68
N LYS A 136 -31.13 -25.60 35.96
CA LYS A 136 -29.89 -25.06 36.52
C LYS A 136 -28.68 -25.70 35.86
N SER A 137 -28.76 -27.01 35.64
CA SER A 137 -27.67 -27.72 34.99
C SER A 137 -27.50 -27.26 33.54
N ASP A 138 -28.61 -27.11 32.83
CA ASP A 138 -28.57 -26.70 31.44
C ASP A 138 -28.00 -25.30 31.28
N ILE A 139 -28.41 -24.39 32.16
CA ILE A 139 -27.94 -23.02 32.14
C ILE A 139 -26.44 -22.96 32.41
N LYS A 140 -26.01 -23.78 33.35
CA LYS A 140 -24.61 -23.92 33.75
C LYS A 140 -23.76 -24.47 32.59
N ALA A 141 -24.31 -25.43 31.83
CA ALA A 141 -23.65 -26.07 30.69
C ALA A 141 -23.63 -25.13 29.47
N ALA A 142 -24.77 -24.43 29.19
CA ALA A 142 -24.90 -23.48 28.07
C ALA A 142 -23.94 -22.32 28.24
N LEU A 143 -23.93 -21.72 29.45
CA LEU A 143 -23.01 -20.65 29.77
C LEU A 143 -21.73 -21.39 30.15
N GLY A 144 -20.59 -20.73 30.04
CA GLY A 144 -19.38 -21.45 30.37
C GLY A 144 -18.97 -21.25 31.81
N THR A 145 -17.65 -21.27 32.03
CA THR A 145 -17.04 -20.98 33.33
C THR A 145 -16.55 -19.52 33.33
N ASP A 146 -16.72 -18.82 32.17
CA ASP A 146 -16.32 -17.43 31.96
C ASP A 146 -16.92 -16.48 32.97
N LYS A 147 -16.06 -15.63 33.54
CA LYS A 147 -16.35 -14.60 34.52
C LYS A 147 -17.59 -13.75 34.19
N LYS A 148 -17.78 -13.38 32.89
CA LYS A 148 -18.91 -12.56 32.44
C LYS A 148 -20.25 -13.15 32.86
N TYR A 149 -20.36 -14.49 32.89
CA TYR A 149 -21.56 -15.29 33.23
C TYR A 149 -21.61 -15.87 34.67
N ALA A 150 -20.57 -15.67 35.49
CA ALA A 150 -20.51 -16.23 36.86
C ALA A 150 -21.63 -15.77 37.80
N GLY A 151 -22.06 -14.51 37.65
CA GLY A 151 -23.12 -13.91 38.44
C GLY A 151 -24.47 -14.40 38.03
N ILE A 152 -24.68 -14.55 36.72
CA ILE A 152 -25.94 -15.06 36.16
C ILE A 152 -26.23 -16.47 36.73
N ILE A 153 -25.20 -17.37 36.72
CA ILE A 153 -25.25 -18.76 37.19
C ILE A 153 -25.52 -18.80 38.69
N SER A 154 -24.73 -18.02 39.48
CA SER A 154 -24.88 -17.92 40.94
C SER A 154 -26.31 -17.55 41.35
N GLU A 155 -26.92 -16.60 40.60
CA GLU A 155 -28.29 -16.17 40.85
C GLU A 155 -29.30 -17.29 40.56
N VAL A 156 -29.09 -18.05 39.44
CA VAL A 156 -29.94 -19.18 39.07
C VAL A 156 -29.87 -20.24 40.20
N GLU A 157 -28.66 -20.61 40.64
CA GLU A 157 -28.47 -21.60 41.72
C GLU A 157 -29.06 -21.19 43.06
N LYS A 158 -29.09 -19.86 43.36
CA LYS A 158 -29.64 -19.28 44.59
C LYS A 158 -31.16 -19.30 44.52
N LYS A 159 -31.74 -18.60 43.53
CA LYS A 159 -33.18 -18.50 43.32
C LYS A 159 -33.84 -19.89 43.20
N PHE A 160 -33.12 -20.87 42.60
CA PHE A 160 -33.66 -22.22 42.41
C PHE A 160 -32.97 -23.29 43.26
N ASP A 161 -32.50 -22.90 44.43
CA ASP A 161 -31.93 -23.82 45.43
C ASP A 161 -33.13 -24.60 46.04
N VAL A 162 -33.19 -25.91 45.72
CA VAL A 162 -34.28 -26.82 46.12
C VAL A 162 -33.92 -27.74 47.32
N SER A 163 -32.90 -27.35 48.10
CA SER A 163 -32.51 -28.09 49.31
C SER A 163 -33.65 -27.94 50.36
N ASP A 164 -33.78 -28.91 51.30
CA ASP A 164 -34.80 -28.89 52.35
C ASP A 164 -34.79 -27.60 53.16
N VAL A 165 -35.96 -27.09 53.51
CA VAL A 165 -36.07 -25.84 54.27
C VAL A 165 -36.39 -26.12 55.72
N LYS A 166 -35.64 -25.49 56.64
CA LYS A 166 -35.88 -25.65 58.07
C LYS A 166 -37.11 -24.82 58.45
N ASN A 167 -38.00 -25.39 59.23
CA ASN A 167 -39.19 -24.66 59.66
C ASN A 167 -38.90 -23.90 60.96
N LYS A 168 -39.96 -23.44 61.66
CA LYS A 168 -39.88 -22.72 62.94
C LYS A 168 -39.24 -23.59 64.02
N GLU A 169 -39.54 -24.90 64.00
CA GLU A 169 -39.00 -25.89 64.96
C GLU A 169 -37.54 -26.22 64.69
N GLY A 170 -37.09 -25.98 63.45
CA GLY A 170 -35.72 -26.24 63.03
C GLY A 170 -35.55 -27.59 62.35
N ILE A 171 -36.68 -28.26 62.04
CA ILE A 171 -36.66 -29.56 61.36
C ILE A 171 -36.71 -29.28 59.86
N LYS A 172 -36.13 -30.14 59.06
CA LYS A 172 -36.12 -29.90 57.62
C LYS A 172 -37.35 -30.46 56.92
N GLU A 173 -37.87 -29.65 56.03
CA GLU A 173 -39.07 -29.91 55.26
C GLU A 173 -38.70 -29.86 53.80
N LYS A 174 -39.22 -30.82 53.04
CA LYS A 174 -38.99 -30.91 51.61
C LYS A 174 -39.48 -29.62 50.95
N TYR A 175 -38.63 -29.06 50.07
CA TYR A 175 -38.84 -27.78 49.41
C TYR A 175 -40.27 -27.61 48.86
N LEU A 176 -40.76 -28.54 48.03
CA LEU A 176 -42.13 -28.44 47.44
C LEU A 176 -43.22 -28.48 48.48
N ALA A 177 -43.06 -29.33 49.52
CA ALA A 177 -44.04 -29.43 50.61
C ALA A 177 -44.04 -28.12 51.40
N TYR A 178 -42.85 -27.61 51.73
CA TYR A 178 -42.67 -26.37 52.49
C TYR A 178 -43.29 -25.17 51.75
N HIS A 179 -43.15 -25.12 50.42
CA HIS A 179 -43.61 -24.02 49.58
C HIS A 179 -45.01 -24.11 48.99
N PHE A 180 -45.54 -25.33 48.80
CA PHE A 180 -46.85 -25.50 48.14
C PHE A 180 -47.87 -26.39 48.85
N LYS A 181 -47.46 -27.24 49.81
CA LYS A 181 -48.41 -28.16 50.45
C LYS A 181 -49.42 -27.46 51.38
N GLY A 182 -50.68 -27.51 50.97
CA GLY A 182 -51.84 -26.95 51.69
C GLY A 182 -51.99 -25.45 51.56
N PHE A 183 -51.32 -24.85 50.59
CA PHE A 183 -51.38 -23.41 50.38
C PHE A 183 -52.59 -22.98 49.55
N PRO A 184 -53.09 -21.73 49.66
CA PRO A 184 -54.19 -21.30 48.77
C PRO A 184 -53.74 -21.39 47.32
N ALA A 185 -54.63 -21.86 46.42
CA ALA A 185 -54.36 -22.03 45.00
C ALA A 185 -53.86 -20.74 44.36
N ILE A 186 -54.39 -19.57 44.75
CA ILE A 186 -53.96 -18.29 44.20
C ILE A 186 -52.54 -17.92 44.65
N ALA A 187 -52.17 -18.26 45.90
CA ALA A 187 -50.83 -18.00 46.41
C ALA A 187 -49.84 -18.86 45.66
N SER A 188 -50.19 -20.14 45.39
CA SER A 188 -49.32 -21.05 44.65
C SER A 188 -49.11 -20.59 43.19
N ALA A 189 -50.16 -20.04 42.55
CA ALA A 189 -50.04 -19.56 41.17
C ALA A 189 -49.12 -18.35 41.15
N ALA A 190 -49.22 -17.46 42.18
CA ALA A 190 -48.36 -16.26 42.24
C ALA A 190 -46.89 -16.60 42.43
N LYS A 191 -46.57 -17.64 43.23
CA LYS A 191 -45.20 -18.08 43.48
C LYS A 191 -44.58 -18.62 42.19
N LEU A 192 -45.34 -19.44 41.47
CA LEU A 192 -44.91 -20.04 40.21
C LEU A 192 -44.75 -18.97 39.11
N SER A 193 -45.62 -17.95 39.08
CA SER A 193 -45.51 -16.83 38.13
C SER A 193 -44.25 -16.05 38.46
N ALA A 194 -43.87 -15.95 39.76
CA ALA A 194 -42.65 -15.30 40.21
C ALA A 194 -41.40 -16.09 39.74
N TRP A 195 -41.49 -17.44 39.67
CA TRP A 195 -40.40 -18.30 39.15
C TRP A 195 -40.27 -18.00 37.66
N GLN A 196 -41.42 -17.81 36.98
CA GLN A 196 -41.42 -17.51 35.54
C GLN A 196 -40.73 -16.18 35.28
N ASN A 197 -40.95 -15.16 36.16
CA ASN A 197 -40.31 -13.84 36.07
C ASN A 197 -38.78 -13.96 36.14
N ASP A 198 -38.28 -14.83 37.06
CA ASP A 198 -36.87 -15.12 37.28
C ASP A 198 -36.26 -15.76 36.05
N VAL A 199 -37.01 -16.66 35.36
CA VAL A 199 -36.49 -17.34 34.17
C VAL A 199 -36.36 -16.30 33.07
N LYS A 200 -37.40 -15.45 32.89
CA LYS A 200 -37.38 -14.43 31.84
C LYS A 200 -36.29 -13.42 32.14
N LYS A 201 -36.12 -13.04 33.42
CA LYS A 201 -35.05 -12.08 33.76
C LYS A 201 -33.71 -12.65 33.40
N THR A 202 -33.37 -13.86 33.91
CA THR A 202 -32.09 -14.53 33.60
C THR A 202 -31.89 -14.60 32.07
N GLU A 203 -32.94 -14.99 31.33
CA GLU A 203 -32.87 -15.08 29.88
C GLU A 203 -32.36 -13.78 29.24
N ALA A 204 -32.99 -12.67 29.58
CA ALA A 204 -32.63 -11.36 29.09
C ALA A 204 -31.22 -11.02 29.54
N ASP A 205 -30.87 -11.42 30.75
CA ASP A 205 -29.55 -11.14 31.26
C ASP A 205 -28.50 -11.81 30.37
N VAL A 206 -28.74 -13.05 29.98
CA VAL A 206 -27.83 -13.76 29.11
C VAL A 206 -27.76 -13.14 27.71
N TYR A 207 -28.90 -12.77 27.16
CA TYR A 207 -28.92 -12.11 25.83
C TYR A 207 -28.20 -10.78 25.83
N ASN A 208 -28.27 -10.04 26.94
CA ASN A 208 -27.59 -8.75 26.99
C ASN A 208 -26.12 -8.91 27.38
N SER A 209 -25.80 -9.93 28.21
CA SER A 209 -24.43 -10.24 28.60
C SER A 209 -23.63 -10.85 27.46
N ALA A 210 -24.26 -11.71 26.62
CA ALA A 210 -23.62 -12.39 25.48
C ALA A 210 -23.25 -11.40 24.40
N LEU A 211 -24.18 -10.48 24.07
CA LEU A 211 -23.96 -9.43 23.09
C LEU A 211 -22.79 -8.54 23.53
N GLY A 212 -22.78 -8.18 24.81
CA GLY A 212 -21.72 -7.36 25.40
C GLY A 212 -20.37 -8.04 25.46
N LYS A 213 -20.32 -9.32 25.88
CA LYS A 213 -19.06 -10.07 25.95
C LYS A 213 -18.41 -10.13 24.54
N ALA A 214 -19.20 -10.53 23.52
CA ALA A 214 -18.80 -10.62 22.13
C ALA A 214 -18.30 -9.30 21.57
N ALA A 215 -19.01 -8.18 21.87
CA ALA A 215 -18.62 -6.87 21.34
C ALA A 215 -17.38 -6.33 22.03
N VAL A 216 -17.17 -6.65 23.30
CA VAL A 216 -15.99 -6.22 24.03
C VAL A 216 -14.75 -6.92 23.46
N ALA A 217 -14.92 -8.22 23.10
CA ALA A 217 -13.86 -9.02 22.52
C ALA A 217 -13.48 -8.51 21.14
N ALA A 218 -14.49 -8.14 20.33
CA ALA A 218 -14.28 -7.62 18.98
C ALA A 218 -13.56 -6.27 18.98
N ALA A 219 -13.81 -5.44 20.01
CA ALA A 219 -13.23 -4.12 20.21
C ALA A 219 -11.84 -4.17 20.92
N SER A 220 -11.39 -5.35 21.39
CA SER A 220 -10.11 -5.51 22.05
C SER A 220 -8.93 -5.06 21.17
N TYR A 221 -7.98 -4.34 21.77
CA TYR A 221 -6.82 -3.87 21.07
C TYR A 221 -5.81 -4.98 20.78
N SER A 222 -6.09 -6.20 21.24
CA SER A 222 -5.26 -7.37 20.91
C SER A 222 -5.48 -7.79 19.42
N ASN A 223 -6.55 -7.30 18.78
CA ASN A 223 -6.97 -7.54 17.40
C ASN A 223 -6.34 -6.64 16.33
N TYR A 224 -5.24 -5.96 16.64
CA TYR A 224 -4.60 -5.07 15.69
C TYR A 224 -3.09 -5.33 15.62
N GLN A 225 -2.47 -4.84 14.54
CA GLN A 225 -1.03 -4.78 14.34
C GLN A 225 -0.73 -3.31 14.04
N ALA A 226 0.32 -2.75 14.64
CA ALA A 226 0.72 -1.37 14.32
C ALA A 226 1.45 -1.46 13.00
N ILE A 227 1.04 -0.66 12.00
CA ILE A 227 1.68 -0.66 10.68
C ILE A 227 2.02 0.76 10.21
N VAL A 228 3.26 0.94 9.70
CA VAL A 228 3.75 2.19 9.12
C VAL A 228 3.40 2.17 7.64
N VAL A 229 2.66 3.19 7.18
CA VAL A 229 2.28 3.32 5.77
C VAL A 229 2.97 4.65 5.36
N LEU A 230 4.11 4.55 4.66
CA LEU A 230 4.80 5.78 4.24
C LEU A 230 4.29 6.14 2.87
N ASP A 231 4.34 7.43 2.49
CA ASP A 231 3.89 7.88 1.18
C ASP A 231 4.77 7.32 0.02
N LYS A 232 6.08 7.10 0.29
CA LYS A 232 7.05 6.52 -0.63
C LYS A 232 8.01 5.75 0.25
N ASN A 233 8.76 4.82 -0.34
CA ASN A 233 9.73 4.04 0.42
C ASN A 233 11.20 4.43 0.17
N ALA A 234 11.45 5.22 -0.89
CA ALA A 234 12.81 5.65 -1.25
C ALA A 234 12.95 7.16 -1.17
N TYR A 235 14.01 7.63 -0.50
CA TYR A 235 14.22 9.05 -0.30
C TYR A 235 15.66 9.47 -0.53
N PHE A 236 15.86 10.76 -0.76
CA PHE A 236 17.21 11.28 -0.83
C PHE A 236 17.41 11.89 0.54
N GLN A 237 18.67 12.00 0.99
CA GLN A 237 19.00 12.65 2.24
C GLN A 237 18.41 14.08 2.27
N GLY A 238 17.77 14.43 3.39
CA GLY A 238 17.20 15.76 3.56
C GLY A 238 15.77 15.94 3.13
N GLU A 239 15.21 14.94 2.42
CA GLU A 239 13.82 14.98 2.00
C GLU A 239 12.96 14.62 3.22
N LYS A 240 11.77 15.23 3.28
CA LYS A 240 10.76 14.96 4.29
C LYS A 240 10.14 13.58 4.01
N VAL A 241 10.38 12.63 4.92
CA VAL A 241 9.77 11.31 4.86
C VAL A 241 8.34 11.55 5.39
N THR A 242 7.29 11.14 4.67
CA THR A 242 5.93 11.40 5.14
C THR A 242 5.10 10.13 5.14
N GLY A 243 4.13 10.07 6.04
CA GLY A 243 3.26 8.93 6.14
C GLY A 243 2.42 8.89 7.40
N LYS A 244 1.95 7.69 7.73
CA LYS A 244 1.12 7.48 8.90
C LYS A 244 1.42 6.14 9.53
N VAL A 245 1.03 6.00 10.79
CA VAL A 245 1.16 4.73 11.47
C VAL A 245 -0.26 4.44 11.92
N VAL A 246 -0.80 3.30 11.52
CA VAL A 246 -2.17 2.99 11.83
C VAL A 246 -2.29 1.65 12.51
N LEU A 247 -3.39 1.46 13.21
CA LEU A 247 -3.67 0.19 13.83
C LEU A 247 -4.53 -0.51 12.80
N GLY A 248 -3.98 -1.54 12.16
CA GLY A 248 -4.66 -2.29 11.12
C GLY A 248 -5.23 -3.56 11.69
N ARG A 249 -6.49 -3.82 11.37
CA ARG A 249 -7.17 -4.98 11.94
C ARG A 249 -6.44 -6.31 11.61
N TYR A 250 -6.19 -7.11 12.63
CA TYR A 250 -5.57 -8.41 12.43
C TYR A 250 -6.32 -9.46 13.24
N ASP A 251 -7.50 -9.82 12.77
CA ASP A 251 -8.34 -10.76 13.48
C ASP A 251 -9.00 -11.81 12.59
N GLU A 252 -8.97 -13.06 13.02
CA GLU A 252 -9.60 -14.13 12.25
C GLU A 252 -11.11 -13.89 12.18
N ASN A 253 -11.65 -13.39 13.27
CA ASN A 253 -13.08 -13.08 13.42
C ASN A 253 -13.51 -11.87 12.59
N THR A 254 -12.56 -11.13 11.97
CA THR A 254 -12.89 -10.00 11.08
C THR A 254 -13.18 -10.63 9.73
N LYS A 255 -14.49 -10.71 9.35
CA LYS A 255 -14.91 -11.38 8.13
C LYS A 255 -15.60 -10.39 7.16
N PRO A 256 -14.89 -9.68 6.26
CA PRO A 256 -15.59 -8.74 5.36
C PRO A 256 -16.66 -9.47 4.56
N THR A 257 -17.72 -8.75 4.18
CA THR A 257 -18.82 -9.32 3.37
C THR A 257 -18.26 -9.66 1.96
N SER A 258 -17.35 -8.79 1.51
CA SER A 258 -16.61 -8.91 0.25
C SER A 258 -15.40 -8.03 0.28
N PHE A 259 -14.41 -8.45 -0.50
CA PHE A 259 -13.15 -7.77 -0.76
C PHE A 259 -12.90 -7.88 -2.27
N GLN A 260 -12.66 -6.72 -2.90
CA GLN A 260 -12.27 -6.59 -4.30
C GLN A 260 -10.84 -6.08 -4.29
N GLY A 261 -9.97 -6.84 -4.94
CA GLY A 261 -8.55 -6.48 -5.01
C GLY A 261 -7.69 -7.67 -5.36
N PRO A 262 -6.37 -7.41 -5.62
CA PRO A 262 -5.49 -8.49 -6.10
C PRO A 262 -4.95 -9.42 -5.01
N GLY A 263 -5.87 -9.97 -4.23
CA GLY A 263 -5.56 -10.84 -3.10
C GLY A 263 -6.79 -11.42 -2.44
N GLN A 264 -6.57 -12.21 -1.39
CA GLN A 264 -7.65 -12.84 -0.65
C GLN A 264 -7.51 -12.50 0.83
N ILE A 265 -8.64 -12.49 1.53
CA ILE A 265 -8.69 -12.16 2.96
C ILE A 265 -8.24 -13.31 3.82
N VAL A 266 -7.26 -13.03 4.70
CA VAL A 266 -6.73 -13.91 5.74
C VAL A 266 -6.61 -13.00 6.96
N ASN A 267 -7.32 -13.35 8.06
CA ASN A 267 -7.30 -12.60 9.33
C ASN A 267 -7.62 -11.09 9.17
N GLY A 268 -8.65 -10.82 8.38
CA GLY A 268 -9.16 -9.48 8.14
C GLY A 268 -8.30 -8.56 7.28
N GLN A 269 -7.19 -9.11 6.71
CA GLN A 269 -6.25 -8.42 5.80
C GLN A 269 -6.20 -9.17 4.48
N ALA A 270 -5.72 -8.49 3.45
CA ALA A 270 -5.53 -9.12 2.15
C ALA A 270 -4.07 -9.00 1.79
N VAL A 271 -3.40 -10.15 1.58
CA VAL A 271 -2.03 -10.19 1.09
C VAL A 271 -2.19 -9.99 -0.42
N ILE A 272 -1.57 -8.92 -0.94
CA ILE A 272 -1.75 -8.58 -2.34
C ILE A 272 -0.44 -8.63 -3.12
N SER A 273 -0.59 -8.90 -4.41
CA SER A 273 0.51 -9.13 -5.35
C SER A 273 -0.01 -8.76 -6.74
N LEU A 274 0.87 -8.33 -7.62
CA LEU A 274 0.58 -8.06 -9.03
C LEU A 274 1.89 -7.85 -9.78
N THR A 275 1.85 -8.04 -11.09
CA THR A 275 3.02 -7.82 -11.94
C THR A 275 2.98 -6.35 -12.33
N ALA A 276 4.06 -5.61 -11.98
CA ALA A 276 4.18 -4.18 -12.24
C ALA A 276 3.90 -3.79 -13.68
N GLY A 277 2.98 -2.84 -13.84
CA GLY A 277 2.53 -2.30 -15.12
C GLY A 277 3.63 -1.62 -15.88
N GLY A 278 3.33 -1.17 -17.09
CA GLY A 278 4.28 -0.54 -17.99
C GLY A 278 5.16 0.58 -17.50
N VAL A 279 4.60 1.81 -17.33
CA VAL A 279 5.41 3.01 -16.99
C VAL A 279 4.59 4.05 -16.22
N GLY A 280 5.25 4.77 -15.32
CA GLY A 280 4.64 5.84 -14.53
C GLY A 280 3.84 5.42 -13.32
N GLU A 281 3.09 6.38 -12.75
CA GLU A 281 2.23 6.21 -11.59
C GLU A 281 1.08 5.26 -11.92
N GLN A 282 0.86 4.27 -11.06
CA GLN A 282 -0.18 3.26 -11.20
C GLN A 282 -0.97 3.16 -9.90
N ASP A 283 -2.22 2.71 -10.00
CA ASP A 283 -3.12 2.54 -8.85
C ASP A 283 -3.47 1.09 -8.60
N ILE A 284 -3.66 0.74 -7.36
CA ILE A 284 -4.17 -0.54 -6.90
C ILE A 284 -5.53 -0.15 -6.29
N ASN A 285 -6.61 -0.31 -7.05
CA ASN A 285 -7.97 0.05 -6.62
C ASN A 285 -8.77 -1.13 -6.17
N GLY A 286 -9.71 -0.90 -5.25
CA GLY A 286 -10.60 -1.92 -4.73
C GLY A 286 -11.38 -1.47 -3.53
N GLN A 287 -11.93 -2.44 -2.79
CA GLN A 287 -12.71 -2.17 -1.56
C GLN A 287 -12.97 -3.37 -0.71
N PHE A 288 -13.35 -3.09 0.53
CA PHE A 288 -13.97 -4.02 1.44
C PHE A 288 -15.40 -3.53 1.56
N THR A 289 -16.35 -4.46 1.73
CA THR A 289 -17.74 -4.09 2.03
C THR A 289 -18.12 -4.86 3.29
N PHE A 290 -18.91 -4.23 4.14
CA PHE A 290 -19.40 -4.83 5.38
C PHE A 290 -20.86 -4.55 5.50
N LEU A 291 -21.64 -5.59 5.69
CA LEU A 291 -23.06 -5.40 5.93
C LEU A 291 -23.26 -5.19 7.42
N GLU A 292 -23.74 -4.01 7.79
CA GLU A 292 -23.92 -3.66 9.18
C GLU A 292 -25.18 -2.89 9.43
N ASP A 293 -26.03 -3.43 10.32
CA ASP A 293 -27.32 -2.87 10.75
C ASP A 293 -28.20 -2.44 9.55
N GLY A 294 -28.29 -3.35 8.57
CA GLY A 294 -29.09 -3.18 7.37
C GLY A 294 -28.45 -2.39 6.24
N LYS A 295 -27.35 -1.67 6.53
CA LYS A 295 -26.65 -0.83 5.55
C LYS A 295 -25.33 -1.46 5.12
N ASN A 296 -25.00 -1.33 3.85
CA ASN A 296 -23.74 -1.85 3.33
C ASN A 296 -22.68 -0.77 3.49
N ILE A 297 -21.60 -1.09 4.22
CA ILE A 297 -20.49 -0.17 4.50
C ILE A 297 -19.33 -0.41 3.53
N PRO A 298 -19.16 0.48 2.53
CA PRO A 298 -18.06 0.32 1.57
C PRO A 298 -16.82 1.11 1.99
N LEU A 299 -15.68 0.42 2.06
CA LEU A 299 -14.42 1.04 2.42
C LEU A 299 -13.51 0.82 1.24
N LYS A 300 -13.47 1.85 0.40
CA LYS A 300 -12.71 1.87 -0.84
C LYS A 300 -11.26 2.27 -0.58
N PHE A 301 -10.36 1.79 -1.45
CA PHE A 301 -8.93 2.10 -1.41
C PHE A 301 -8.39 2.32 -2.81
N SER A 302 -7.33 3.14 -2.90
CA SER A 302 -6.59 3.45 -4.11
C SER A 302 -5.12 3.55 -3.72
N GLY A 303 -4.46 2.40 -3.74
CA GLY A 303 -3.04 2.29 -3.43
C GLY A 303 -2.21 2.81 -4.58
N LYS A 304 -1.00 3.28 -4.29
CA LYS A 304 -0.19 3.86 -5.35
C LYS A 304 1.18 3.29 -5.40
N TYR A 305 1.65 3.06 -6.64
CA TYR A 305 3.01 2.67 -6.93
C TYR A 305 3.46 3.34 -8.22
N VAL A 306 4.76 3.36 -8.44
CA VAL A 306 5.35 3.93 -9.65
C VAL A 306 6.22 2.88 -10.34
N VAL A 307 6.12 2.84 -11.66
CA VAL A 307 6.93 1.96 -12.49
C VAL A 307 7.96 2.83 -13.18
N VAL A 308 9.22 2.61 -12.81
CA VAL A 308 10.36 3.38 -13.33
C VAL A 308 11.10 2.58 -14.39
N PRO A 309 11.68 3.23 -15.43
CA PRO A 309 12.45 2.45 -16.41
C PRO A 309 13.74 1.90 -15.76
N ARG A 310 14.18 0.70 -16.18
CA ARG A 310 15.43 0.09 -15.68
C ARG A 310 16.61 0.90 -16.22
N PRO A 311 17.80 0.95 -15.53
CA PRO A 311 18.95 1.68 -16.12
C PRO A 311 19.29 1.12 -17.49
N ASN A 312 19.54 1.97 -18.48
CA ASN A 312 19.80 1.46 -19.81
C ASN A 312 20.97 2.18 -20.52
N SER A 313 21.63 3.10 -19.83
CA SER A 313 22.68 3.92 -20.43
C SER A 313 24.01 3.90 -19.70
N ALA A 314 24.98 3.20 -20.30
CA ALA A 314 26.36 3.12 -19.81
C ALA A 314 27.16 4.32 -20.31
N THR A 315 28.24 4.64 -19.61
CA THR A 315 29.16 5.69 -20.01
C THR A 315 30.48 4.93 -20.32
N ILE A 316 30.83 4.86 -21.62
CA ILE A 316 32.03 4.21 -22.16
C ILE A 316 32.86 5.30 -22.84
N SER A 317 34.02 5.67 -22.27
CA SER A 317 34.84 6.72 -22.85
C SER A 317 36.30 6.33 -23.04
N ALA A 318 36.93 6.89 -24.06
CA ALA A 318 38.35 6.67 -24.35
C ALA A 318 39.06 7.81 -23.61
N ASP A 319 39.81 7.48 -22.53
CA ASP A 319 40.45 8.48 -21.65
C ASP A 319 41.43 9.43 -22.34
N LYS A 320 42.10 9.01 -23.39
CA LYS A 320 43.04 9.89 -24.06
C LYS A 320 42.35 10.81 -25.06
N MET A 321 41.05 10.58 -25.26
CA MET A 321 40.28 11.33 -26.24
C MET A 321 39.40 12.48 -25.76
N ASN A 322 39.60 12.93 -24.53
CA ASN A 322 38.83 14.04 -24.00
C ASN A 322 39.50 15.29 -24.55
N VAL A 323 39.31 15.52 -25.84
CA VAL A 323 39.96 16.60 -26.56
C VAL A 323 38.99 17.44 -27.37
N VAL A 324 39.20 18.77 -27.30
CA VAL A 324 38.50 19.73 -28.17
C VAL A 324 39.57 20.52 -28.92
N TYR A 325 39.36 20.75 -30.24
CA TYR A 325 40.30 21.52 -31.04
C TYR A 325 39.94 22.96 -31.15
N ARG A 326 40.93 23.83 -30.99
CA ARG A 326 40.78 25.26 -31.14
C ARG A 326 40.57 25.59 -32.63
N GLY A 327 39.59 26.43 -32.92
CA GLY A 327 39.28 26.89 -34.27
C GLY A 327 38.35 26.01 -35.06
N VAL A 328 37.87 24.93 -34.43
CA VAL A 328 36.90 24.01 -35.04
C VAL A 328 35.62 23.96 -34.20
N VAL A 329 34.54 23.43 -34.79
CA VAL A 329 33.25 23.20 -34.15
C VAL A 329 33.32 21.77 -33.66
N ASN A 330 33.44 21.62 -32.34
CA ASN A 330 33.55 20.31 -31.68
C ASN A 330 32.21 19.88 -31.16
N PRO A 331 31.53 18.89 -31.80
CA PRO A 331 30.22 18.47 -31.28
C PRO A 331 30.37 17.70 -29.96
N ILE A 332 29.51 18.05 -29.01
CA ILE A 332 29.48 17.49 -27.66
C ILE A 332 28.09 16.87 -27.41
N SER A 333 28.06 15.74 -26.70
CA SER A 333 26.83 15.09 -26.25
C SER A 333 26.78 15.15 -24.74
N VAL A 334 25.62 15.49 -24.21
CA VAL A 334 25.41 15.60 -22.75
C VAL A 334 24.16 14.83 -22.36
N SER A 335 24.28 14.04 -21.30
CA SER A 335 23.21 13.28 -20.66
C SER A 335 23.52 13.17 -19.18
N PHE A 336 22.51 12.96 -18.35
CA PHE A 336 22.70 12.87 -16.91
C PHE A 336 21.67 11.88 -16.44
N ALA A 337 22.09 10.64 -16.21
CA ALA A 337 21.16 9.61 -15.81
C ALA A 337 20.44 9.97 -14.49
N GLY A 338 19.13 9.76 -14.48
CA GLY A 338 18.27 10.09 -13.35
C GLY A 338 17.65 11.47 -13.52
N VAL A 339 18.00 12.17 -14.58
CA VAL A 339 17.47 13.50 -14.88
C VAL A 339 16.85 13.42 -16.27
N ASP A 340 15.68 14.06 -16.45
CA ASP A 340 14.99 14.17 -17.74
C ASP A 340 15.83 15.06 -18.63
N ALA A 341 15.96 14.69 -19.93
CA ALA A 341 16.78 15.40 -20.91
C ALA A 341 16.44 16.88 -21.00
N ASN A 342 15.17 17.21 -20.78
CA ASN A 342 14.66 18.57 -20.81
C ASN A 342 14.99 19.37 -19.54
N LYS A 343 15.53 18.71 -18.52
CA LYS A 343 15.87 19.36 -17.25
C LYS A 343 17.38 19.40 -17.01
N ILE A 344 18.16 19.21 -18.10
CA ILE A 344 19.63 19.22 -18.11
C ILE A 344 20.13 20.50 -18.80
N VAL A 345 21.05 21.23 -18.14
CA VAL A 345 21.62 22.48 -18.61
C VAL A 345 23.16 22.39 -18.56
N ALA A 346 23.78 22.49 -19.73
CA ALA A 346 25.25 22.46 -19.86
C ALA A 346 25.75 23.86 -20.16
N SER A 347 26.89 24.25 -19.57
CA SER A 347 27.49 25.55 -19.83
C SER A 347 29.00 25.50 -19.84
N ALA A 348 29.63 26.39 -20.61
CA ALA A 348 31.09 26.54 -20.75
C ALA A 348 31.39 27.68 -21.70
N PRO A 349 32.56 28.32 -21.57
CA PRO A 349 32.95 29.31 -22.60
C PRO A 349 33.16 28.58 -23.94
N GLY A 350 32.43 29.02 -24.95
CA GLY A 350 32.53 28.45 -26.30
C GLY A 350 31.48 27.42 -26.63
N LEU A 351 30.60 27.10 -25.65
CA LEU A 351 29.53 26.12 -25.80
C LEU A 351 28.20 26.74 -26.19
N SER A 352 27.54 26.14 -27.18
CA SER A 352 26.21 26.53 -27.68
C SER A 352 25.43 25.26 -28.03
N SER A 353 24.10 25.39 -28.27
CA SER A 353 23.24 24.26 -28.65
C SER A 353 23.50 23.78 -30.09
N ALA A 354 23.38 22.47 -30.35
CA ALA A 354 23.57 21.92 -31.70
C ALA A 354 22.27 21.63 -32.42
N GLY A 355 21.14 21.84 -31.76
CA GLY A 355 19.83 21.64 -32.38
C GLY A 355 19.11 20.32 -32.14
N LYS A 356 19.55 19.56 -31.14
CA LYS A 356 18.90 18.30 -30.73
C LYS A 356 19.05 18.24 -29.21
N PRO A 357 18.10 17.62 -28.48
CA PRO A 357 18.22 17.53 -27.01
C PRO A 357 19.53 16.88 -26.56
N GLY A 358 20.22 17.56 -25.64
CA GLY A 358 21.55 17.17 -25.14
C GLY A 358 22.70 17.33 -26.13
N LYS A 359 22.47 17.94 -27.31
CA LYS A 359 23.57 18.06 -28.29
C LYS A 359 24.08 19.48 -28.36
N TYR A 360 25.38 19.65 -28.15
CA TYR A 360 26.04 20.96 -28.13
C TYR A 360 27.24 21.04 -29.08
N ASN A 361 27.76 22.27 -29.32
CA ASN A 361 28.95 22.56 -30.11
C ASN A 361 29.87 23.38 -29.24
N MET A 362 31.14 22.99 -29.20
CA MET A 362 32.19 23.69 -28.45
C MET A 362 33.26 24.19 -29.41
N SER A 363 33.60 25.49 -29.31
CA SER A 363 34.69 26.15 -30.06
C SER A 363 35.49 26.81 -28.95
N PRO A 364 36.53 26.11 -28.47
CA PRO A 364 37.25 26.61 -27.29
C PRO A 364 37.95 27.94 -27.45
N GLY A 365 38.00 28.69 -26.35
CA GLY A 365 38.70 29.96 -26.31
C GLY A 365 40.17 29.71 -26.08
N GLN A 366 40.87 30.67 -25.48
CA GLN A 366 42.29 30.51 -25.17
C GLN A 366 42.44 29.61 -23.93
N GLY A 367 43.61 29.02 -23.76
CA GLY A 367 43.88 28.15 -22.63
C GLY A 367 44.18 26.71 -23.01
N THR A 368 44.47 25.90 -22.01
CA THR A 368 44.85 24.50 -22.21
C THR A 368 43.67 23.53 -21.95
N GLU A 369 42.65 24.00 -21.24
CA GLU A 369 41.49 23.20 -20.85
C GLU A 369 40.21 23.95 -20.99
N ALA A 370 39.14 23.20 -21.25
CA ALA A 370 37.75 23.70 -21.34
C ALA A 370 36.91 22.80 -20.45
N THR A 371 36.24 23.41 -19.45
CA THR A 371 35.40 22.63 -18.53
C THR A 371 33.92 22.83 -18.87
N ILE A 372 33.21 21.73 -19.18
CA ILE A 372 31.77 21.80 -19.43
C ILE A 372 31.09 21.42 -18.10
N SER A 373 30.22 22.31 -17.60
CA SER A 373 29.45 22.16 -16.35
C SER A 373 28.03 21.78 -16.68
N VAL A 374 27.47 20.84 -15.94
CA VAL A 374 26.12 20.34 -16.17
C VAL A 374 25.30 20.37 -14.88
N THR A 375 24.14 21.02 -14.94
CA THR A 375 23.19 21.05 -13.83
C THR A 375 21.91 20.37 -14.30
N GLY A 376 21.43 19.45 -13.49
CA GLY A 376 20.18 18.74 -13.70
C GLY A 376 19.17 19.12 -12.62
N THR A 377 17.89 19.16 -12.98
CA THR A 377 16.82 19.40 -12.02
C THR A 377 16.07 18.09 -11.90
N LEU A 378 16.03 17.55 -10.68
CA LEU A 378 15.37 16.29 -10.38
C LEU A 378 13.87 16.51 -10.30
N PRO A 379 13.02 15.45 -10.41
CA PRO A 379 11.55 15.66 -10.32
C PRO A 379 11.06 16.37 -9.05
N ASN A 380 11.80 16.28 -7.92
CA ASN A 380 11.47 16.97 -6.68
C ASN A 380 11.95 18.45 -6.64
N GLY A 381 12.57 18.88 -7.73
CA GLY A 381 13.11 20.23 -7.87
C GLY A 381 14.55 20.39 -7.41
N ASP A 382 15.16 19.29 -6.95
CA ASP A 382 16.54 19.32 -6.49
C ASP A 382 17.51 19.56 -7.65
N LYS A 383 18.62 20.21 -7.35
CA LYS A 383 19.65 20.50 -8.35
C LYS A 383 20.86 19.61 -8.15
N VAL A 384 21.29 18.95 -9.23
CA VAL A 384 22.45 18.05 -9.18
C VAL A 384 23.49 18.56 -10.19
N THR A 385 24.78 18.59 -9.80
CA THR A 385 25.82 19.12 -10.70
C THR A 385 26.98 18.18 -10.89
N ASP A 386 27.49 18.17 -12.14
CA ASP A 386 28.70 17.44 -12.56
C ASP A 386 29.44 18.29 -13.61
N LYS A 387 30.71 17.98 -13.84
CA LYS A 387 31.54 18.70 -14.80
C LYS A 387 32.60 17.81 -15.41
N LYS A 388 33.05 18.16 -16.61
CA LYS A 388 34.11 17.46 -17.29
C LYS A 388 35.05 18.43 -17.98
N THR A 389 36.34 18.23 -17.78
CA THR A 389 37.38 19.02 -18.39
C THR A 389 37.92 18.28 -19.60
N PHE A 390 38.03 19.02 -20.71
CA PHE A 390 38.57 18.60 -22.00
C PHE A 390 39.84 19.38 -22.19
N ARG A 391 40.84 18.75 -22.81
CA ARG A 391 42.08 19.44 -23.14
C ARG A 391 41.84 20.14 -24.45
N ILE A 392 42.27 21.40 -24.56
CA ILE A 392 42.21 22.17 -25.81
C ILE A 392 43.52 21.93 -26.52
N LYS A 393 43.44 21.43 -27.76
CA LYS A 393 44.61 21.23 -28.62
C LYS A 393 44.48 22.10 -29.85
N GLY A 394 45.62 22.56 -30.35
CA GLY A 394 45.69 23.28 -31.61
C GLY A 394 45.55 22.25 -32.71
N ILE A 395 44.99 22.66 -33.86
CA ILE A 395 44.83 21.82 -35.05
C ILE A 395 46.20 21.21 -35.46
N PRO A 396 46.26 19.90 -35.80
CA PRO A 396 47.56 19.31 -36.20
C PRO A 396 48.15 19.98 -37.45
N GLY A 397 49.48 19.95 -37.56
CA GLY A 397 50.14 20.56 -38.70
C GLY A 397 49.72 19.91 -40.01
N PRO A 398 49.24 20.65 -41.01
CA PRO A 398 48.92 19.98 -42.28
C PRO A 398 50.17 19.47 -43.02
N THR A 399 49.96 18.68 -44.08
CA THR A 399 51.01 18.13 -44.92
C THR A 399 50.92 18.81 -46.28
N GLY A 400 52.03 19.42 -46.72
CA GLY A 400 52.10 20.11 -48.00
C GLY A 400 51.93 19.18 -49.16
N THR A 401 51.30 19.69 -50.25
CA THR A 401 51.04 18.93 -51.49
C THR A 401 51.38 19.74 -52.77
N ILE A 402 51.71 19.05 -53.88
CA ILE A 402 51.94 19.59 -55.24
C ILE A 402 51.00 18.70 -56.06
N ARG A 403 50.03 19.31 -56.77
CA ARG A 403 49.03 18.57 -57.56
C ARG A 403 48.23 17.57 -56.63
N GLY A 404 47.98 18.00 -55.39
CA GLY A 404 47.29 17.19 -54.39
C GLY A 404 47.99 15.94 -53.88
N GLU A 405 49.30 15.75 -54.22
CA GLU A 405 50.11 14.61 -53.79
C GLU A 405 51.07 15.06 -52.71
N MET A 406 51.36 14.19 -51.73
CA MET A 406 52.28 14.47 -50.61
C MET A 406 53.62 13.78 -50.82
N GLY A 407 54.61 14.17 -50.03
CA GLY A 407 55.94 13.57 -50.07
C GLY A 407 56.83 14.00 -51.21
N VAL A 408 57.08 13.07 -52.17
CA VAL A 408 57.88 13.24 -53.38
C VAL A 408 56.97 13.05 -54.56
N VAL A 409 56.66 14.15 -55.27
CA VAL A 409 55.79 14.20 -56.46
C VAL A 409 56.67 14.14 -57.68
N LYS A 410 56.32 13.26 -58.61
CA LYS A 410 57.09 13.07 -59.83
C LYS A 410 56.31 13.42 -61.08
N GLY A 411 57.03 13.86 -62.11
CA GLY A 411 56.45 14.21 -63.40
C GLY A 411 57.29 15.20 -64.19
N PRO A 412 56.74 15.71 -65.32
CA PRO A 412 57.50 16.67 -66.14
C PRO A 412 57.62 18.04 -65.47
N LYS A 413 58.67 18.82 -65.84
CA LYS A 413 58.91 20.17 -65.31
C LYS A 413 57.70 21.07 -65.57
N SER A 414 57.04 20.83 -66.73
CA SER A 414 55.85 21.49 -67.24
C SER A 414 54.72 21.47 -66.20
N ASN A 415 54.45 20.28 -65.63
CA ASN A 415 53.43 20.05 -64.59
C ASN A 415 53.74 20.81 -63.30
N LEU A 416 55.02 21.08 -63.02
CA LEU A 416 55.44 21.82 -61.83
C LEU A 416 55.16 23.33 -61.97
N GLU A 417 55.45 23.88 -63.14
CA GLU A 417 55.28 25.29 -63.49
C GLU A 417 53.83 25.79 -63.34
N ILE A 418 52.85 24.95 -63.71
CA ILE A 418 51.41 25.25 -63.63
C ILE A 418 50.74 24.63 -62.39
N ALA A 419 51.54 24.09 -61.46
CA ALA A 419 51.04 23.43 -60.26
C ALA A 419 50.55 24.36 -59.15
N THR A 420 49.61 23.83 -58.35
CA THR A 420 49.03 24.44 -57.18
C THR A 420 49.70 23.78 -55.98
N ILE A 421 50.21 24.60 -55.05
CA ILE A 421 50.77 24.15 -53.78
C ILE A 421 49.61 24.13 -52.79
N GLY A 422 49.39 23.00 -52.13
CA GLY A 422 48.30 22.86 -51.18
C GLY A 422 48.72 22.26 -49.85
N ALA A 423 47.72 21.95 -49.01
CA ALA A 423 47.89 21.33 -47.69
C ALA A 423 46.73 20.39 -47.41
N LYS A 424 47.02 19.27 -46.76
CA LYS A 424 46.02 18.29 -46.37
C LYS A 424 46.11 18.01 -44.87
N LEU A 425 44.97 17.76 -44.22
CA LEU A 425 44.96 17.30 -42.85
C LEU A 425 44.48 15.86 -42.97
N LEU A 426 45.37 14.89 -42.74
CA LEU A 426 45.03 13.47 -42.85
C LEU A 426 44.39 12.95 -41.57
N ASP A 427 43.32 12.17 -41.72
CA ASP A 427 42.53 11.57 -40.64
C ASP A 427 42.02 12.59 -39.62
N PHE A 428 41.71 13.81 -40.08
CA PHE A 428 41.15 14.85 -39.23
C PHE A 428 39.64 14.75 -39.42
N ASP A 429 38.91 14.51 -38.31
CA ASP A 429 37.48 14.28 -38.34
C ASP A 429 36.64 15.56 -38.34
N PHE A 430 37.21 16.67 -38.85
CA PHE A 430 36.51 17.95 -38.92
C PHE A 430 36.66 18.52 -40.33
N GLU A 431 35.52 18.92 -40.93
CA GLU A 431 35.49 19.47 -42.28
C GLU A 431 35.86 20.93 -42.22
N VAL A 432 37.12 21.23 -42.55
CA VAL A 432 37.64 22.58 -42.55
C VAL A 432 37.99 23.03 -43.99
N GLY A 433 38.39 24.28 -44.11
CA GLY A 433 38.90 24.86 -45.34
C GLY A 433 40.37 25.15 -45.15
N LEU A 434 41.22 24.71 -46.10
CA LEU A 434 42.67 24.98 -46.04
C LEU A 434 43.14 25.66 -47.32
N ASP A 435 43.80 26.81 -47.17
CA ASP A 435 44.36 27.48 -48.34
C ASP A 435 45.79 27.92 -48.11
N VAL A 436 46.67 27.63 -49.08
CA VAL A 436 48.08 28.03 -49.04
C VAL A 436 48.18 29.49 -49.49
N VAL A 437 48.82 30.32 -48.65
CA VAL A 437 49.02 31.77 -48.87
C VAL A 437 50.49 32.12 -49.18
N GLY A 438 51.35 31.11 -49.13
CA GLY A 438 52.77 31.28 -49.41
C GLY A 438 53.60 30.04 -49.21
N PHE A 439 54.85 30.07 -49.73
CA PHE A 439 55.83 28.98 -49.67
C PHE A 439 57.20 29.42 -50.19
N ASN A 440 58.17 28.52 -50.02
CA ASN A 440 59.55 28.68 -50.46
C ASN A 440 59.88 27.58 -51.45
N MET A 441 60.39 27.99 -52.60
CA MET A 441 60.79 27.14 -53.72
C MET A 441 62.33 27.14 -53.79
N LYS A 442 62.92 25.96 -53.95
CA LYS A 442 64.36 25.89 -54.10
C LYS A 442 64.84 24.78 -55.02
N ILE A 443 65.69 25.17 -55.96
CA ILE A 443 66.38 24.31 -56.90
C ILE A 443 67.87 24.57 -56.62
N ALA A 444 68.73 23.54 -56.79
CA ALA A 444 70.17 23.66 -56.57
C ALA A 444 70.80 24.69 -57.51
N GLY A 445 71.81 25.39 -57.02
CA GLY A 445 72.56 26.39 -57.78
C GLY A 445 71.97 27.79 -57.80
N GLN A 446 70.77 27.94 -57.23
CA GLN A 446 70.06 29.21 -57.17
C GLN A 446 69.46 29.43 -55.79
N PRO A 447 69.40 30.70 -55.29
CA PRO A 447 68.82 30.94 -53.95
C PRO A 447 67.34 30.58 -53.85
N THR A 448 66.81 30.50 -52.60
CA THR A 448 65.40 30.20 -52.37
C THR A 448 64.56 31.39 -52.86
N VAL A 449 63.43 31.07 -53.52
CA VAL A 449 62.46 32.04 -54.01
C VAL A 449 61.33 32.02 -52.95
N VAL A 450 61.00 33.19 -52.38
CA VAL A 450 59.91 33.33 -51.43
C VAL A 450 58.69 33.71 -52.27
N VAL A 451 57.64 32.87 -52.22
CA VAL A 451 56.42 33.05 -53.01
C VAL A 451 55.19 33.42 -52.17
N THR A 452 54.45 34.43 -52.65
CA THR A 452 53.15 34.89 -52.13
C THR A 452 52.15 34.24 -53.07
N GLY A 453 51.23 33.46 -52.51
CA GLY A 453 50.25 32.71 -53.27
C GLY A 453 50.54 31.23 -53.15
N ASN A 454 49.78 30.43 -53.90
CA ASN A 454 49.87 28.98 -53.92
C ASN A 454 50.32 28.51 -55.29
N LYS A 455 50.76 29.44 -56.13
CA LYS A 455 51.20 29.13 -57.50
C LYS A 455 52.63 29.60 -57.79
N MET A 456 53.27 28.96 -58.78
CA MET A 456 54.65 29.29 -59.19
C MET A 456 54.75 30.67 -59.85
N ASN A 457 55.62 31.51 -59.28
CA ASN A 457 55.90 32.88 -59.71
C ASN A 457 56.52 32.91 -61.10
N ALA A 458 56.64 34.11 -61.68
CA ALA A 458 57.34 34.32 -62.94
C ALA A 458 58.81 34.12 -62.54
N GLN A 459 59.15 34.52 -61.29
CA GLN A 459 60.47 34.37 -60.68
C GLN A 459 60.80 32.86 -60.59
N CYS A 460 59.81 32.02 -60.18
CA CYS A 460 59.94 30.55 -60.07
C CYS A 460 60.25 29.91 -61.41
N LYS A 461 59.43 30.23 -62.44
CA LYS A 461 59.56 29.72 -63.80
C LYS A 461 60.93 30.06 -64.44
N SER A 462 61.50 31.26 -64.15
CA SER A 462 62.83 31.67 -64.64
C SER A 462 63.92 30.91 -63.91
N VAL A 463 63.80 30.78 -62.58
CA VAL A 463 64.72 30.04 -61.72
C VAL A 463 64.76 28.54 -62.13
N LEU A 464 63.62 28.01 -62.59
CA LEU A 464 63.48 26.63 -63.05
C LEU A 464 63.97 26.35 -64.47
N ALA A 465 64.21 27.40 -65.28
CA ALA A 465 64.71 27.26 -66.68
C ALA A 465 65.95 26.36 -66.78
N ARG A 466 66.78 26.35 -65.72
CA ARG A 466 68.02 25.58 -65.56
C ARG A 466 67.80 24.11 -65.12
N ALA A 467 66.57 23.75 -64.71
CA ALA A 467 66.25 22.41 -64.22
C ALA A 467 65.81 21.41 -65.30
N GLY A 468 66.03 20.12 -65.03
CA GLY A 468 65.70 19.02 -65.92
C GLY A 468 65.54 17.67 -65.23
N LYS A 469 65.54 16.58 -66.04
CA LYS A 469 65.38 15.20 -65.56
C LYS A 469 66.36 14.85 -64.43
N GLY A 470 65.81 14.40 -63.31
CA GLY A 470 66.57 14.03 -62.13
C GLY A 470 66.51 15.06 -61.02
N ASP A 471 66.39 16.35 -61.41
CA ASP A 471 66.36 17.45 -60.44
C ASP A 471 65.15 17.46 -59.52
N GLN A 472 65.42 17.76 -58.25
CA GLN A 472 64.40 17.89 -57.21
C GLN A 472 64.22 19.36 -56.85
N VAL A 473 62.97 19.75 -56.61
CA VAL A 473 62.57 21.09 -56.22
C VAL A 473 61.89 20.97 -54.85
N THR A 474 62.40 21.69 -53.88
CA THR A 474 61.78 21.62 -52.57
C THR A 474 60.78 22.73 -52.41
N ILE A 475 59.64 22.39 -51.83
CA ILE A 475 58.56 23.32 -51.51
C ILE A 475 58.49 23.25 -50.00
N SER A 476 58.98 24.27 -49.31
CA SER A 476 59.03 24.27 -47.85
C SER A 476 58.47 25.55 -47.31
N GLU A 477 58.39 25.66 -45.96
CA GLU A 477 57.89 26.86 -45.27
C GLU A 477 56.51 27.26 -45.82
N ILE A 478 55.65 26.26 -46.08
CA ILE A 478 54.30 26.47 -46.61
C ILE A 478 53.47 27.18 -45.52
N LYS A 479 52.81 28.27 -45.91
CA LYS A 479 51.98 29.11 -45.07
C LYS A 479 50.53 28.75 -45.34
N THR A 480 49.92 27.97 -44.44
CA THR A 480 48.53 27.54 -44.64
C THR A 480 47.56 28.31 -43.77
N LYS A 481 46.51 28.83 -44.42
CA LYS A 481 45.42 29.56 -43.80
C LYS A 481 44.26 28.56 -43.64
N LEU A 482 43.77 28.41 -42.40
CA LEU A 482 42.64 27.53 -42.11
C LEU A 482 41.36 28.33 -41.90
N VAL A 483 40.22 27.76 -42.35
CA VAL A 483 38.86 28.29 -42.18
C VAL A 483 37.98 27.18 -41.58
N GLY A 484 37.50 27.42 -40.36
CA GLY A 484 36.60 26.54 -39.62
C GLY A 484 35.64 27.43 -38.87
N ALA A 485 35.85 27.59 -37.56
CA ALA A 485 35.11 28.53 -36.70
C ALA A 485 36.16 29.67 -36.52
N GLY A 486 36.22 30.55 -37.52
CA GLY A 486 37.20 31.61 -37.62
C GLY A 486 38.28 31.26 -38.62
N SER A 487 39.22 32.17 -38.86
CA SER A 487 40.34 31.93 -39.78
C SER A 487 41.69 32.08 -39.06
N TYR A 488 42.64 31.14 -39.32
CA TYR A 488 43.95 31.10 -38.66
C TYR A 488 45.15 30.82 -39.60
N LEU A 489 46.31 31.43 -39.33
CA LEU A 489 47.52 31.14 -40.09
C LEU A 489 48.27 30.04 -39.32
N LEU A 490 48.20 28.79 -39.82
CA LEU A 490 48.81 27.64 -39.14
C LEU A 490 50.33 27.74 -39.13
N PRO A 491 50.97 27.57 -37.94
CA PRO A 491 52.42 27.80 -37.84
C PRO A 491 53.34 26.90 -38.68
N ARG A 492 52.95 25.63 -38.86
CA ARG A 492 53.76 24.63 -39.53
C ARG A 492 52.94 23.71 -40.45
N THR A 493 53.45 23.46 -41.66
CA THR A 493 52.92 22.54 -42.68
C THR A 493 54.13 21.73 -43.15
N ALA A 494 54.00 20.42 -43.26
CA ALA A 494 55.13 19.58 -43.72
C ALA A 494 55.60 19.95 -45.17
N PRO A 495 56.91 19.97 -45.45
CA PRO A 495 57.35 20.32 -46.82
C PRO A 495 57.00 19.21 -47.83
N VAL A 496 57.07 19.56 -49.09
CA VAL A 496 56.80 18.64 -50.20
C VAL A 496 57.91 18.82 -51.24
N ILE A 497 58.26 17.74 -51.95
CA ILE A 497 59.32 17.77 -52.95
C ILE A 497 58.78 17.34 -54.31
N TYR A 498 59.26 17.99 -55.38
CA TYR A 498 58.97 17.64 -56.76
C TYR A 498 60.24 17.08 -57.39
N GLU A 499 60.12 15.97 -58.12
CA GLU A 499 61.24 15.39 -58.83
C GLU A 499 60.91 15.34 -60.33
N ILE A 500 61.68 16.09 -61.12
CA ILE A 500 61.47 16.16 -62.57
C ILE A 500 61.92 14.85 -63.20
N GLN A 501 61.03 14.26 -64.04
CA GLN A 501 61.33 13.03 -64.77
C GLN A 501 60.90 13.10 -66.21
C1 EDO B . 13.49 8.60 -4.66
O1 EDO B . 12.16 8.19 -4.39
C2 EDO B . 13.45 10.09 -5.05
O2 EDO B . 13.30 10.89 -3.90
C1 EDO C . -14.17 -11.55 1.61
O1 EDO C . -13.75 -12.62 2.43
C2 EDO C . -14.70 -12.16 0.29
O2 EDO C . -14.50 -11.27 -0.82
C1 EDO D . 44.70 26.09 -34.71
O1 EDO D . 44.17 25.65 -33.49
C2 EDO D . 44.73 27.61 -34.70
O2 EDO D . 45.61 28.02 -33.66
C1 EDO E . 33.44 14.05 -11.61
O1 EDO E . 32.91 14.69 -10.46
C2 EDO E . 32.55 12.82 -11.94
O2 EDO E . 32.68 12.52 -13.32
C1 EDO F . 37.54 16.81 -14.88
O1 EDO F . 37.10 15.59 -15.47
C2 EDO F . 36.38 17.44 -14.11
O2 EDO F . 35.97 16.49 -13.13
C1 EDO G . 72.37 29.90 -53.19
O1 EDO G . 71.78 29.29 -52.06
C2 EDO G . 73.24 28.87 -53.96
O2 EDO G . 72.50 27.71 -54.26
#